data_4OTK
#
_entry.id   4OTK
#
_cell.length_a   86.270
_cell.length_b   86.270
_cell.length_c   86.290
_cell.angle_alpha   90.00
_cell.angle_beta   90.00
_cell.angle_gamma   120.00
#
_symmetry.space_group_name_H-M   'P 32 2 1'
#
loop_
_entity.id
_entity.type
_entity.pdbx_description
1 polymer 'Mycobacterial Enzyme Rv2971'
2 non-polymer 'MALONATE ION'
3 non-polymer 'CHLORIDE ION'
4 water water
#
_entity_poly.entity_id   1
_entity_poly.type   'polypeptide(L)'
_entity_poly.pdbx_seq_one_letter_code
;MGSSHHHHHHSSGLVPRGSHMASMTGGQQMGRGSEFVTGESGAAAAPSITLNDEHTMPVLGLGVAELSDDETERAVSAAL
EIGCRLIDTAYAYGNEAAVGRAIAASGVAREELFVTTKLATPDQGFTRSQEACRASLDRLGLDYVDLYLIHWPAPPVGKY
VDAWGGMIQSRGEGHARSIGVSNFTAENIENLIDLTFVTPAVNQIELHPLLNQDELRKANAQHTVVTQSYCPLALGRLLD
NPTVTSIASEYVKTPAQVLLRWNLQLGNAVVVRSARPERIASNFDVFDFELAAEHMDALGGLNDGTRVREDPLTYAGT
;
_entity_poly.pdbx_strand_id   A
#
# COMPACT_ATOMS: atom_id res chain seq x y z
N ALA A 43 -1.33 -8.09 -20.24
CA ALA A 43 -1.68 -9.05 -19.20
C ALA A 43 -1.01 -8.69 -17.87
N ALA A 44 -1.71 -8.99 -16.78
CA ALA A 44 -1.26 -8.64 -15.44
C ALA A 44 0.00 -9.41 -15.03
N ALA A 45 0.87 -8.75 -14.26
CA ALA A 45 2.18 -9.32 -13.93
C ALA A 45 2.28 -9.87 -12.50
N ALA A 46 1.18 -9.79 -11.77
CA ALA A 46 1.14 -10.28 -10.39
C ALA A 46 -0.22 -10.91 -10.10
N PRO A 47 -0.23 -11.97 -9.28
CA PRO A 47 -1.51 -12.55 -8.85
C PRO A 47 -2.23 -11.63 -7.88
N SER A 48 -3.46 -11.99 -7.53
CA SER A 48 -4.26 -11.18 -6.63
C SER A 48 -4.62 -11.95 -5.37
N ILE A 49 -4.93 -11.22 -4.31
CA ILE A 49 -5.39 -11.79 -3.06
C ILE A 49 -6.85 -11.34 -2.88
N THR A 50 -7.65 -12.15 -2.20
CA THR A 50 -9.07 -11.81 -2.02
C THR A 50 -9.28 -11.11 -0.68
N LEU A 51 -9.96 -9.96 -0.72
CA LEU A 51 -10.22 -9.17 0.48
C LEU A 51 -11.46 -9.69 1.21
N ASN A 52 -11.68 -9.21 2.43
CA ASN A 52 -12.80 -9.70 3.22
C ASN A 52 -14.17 -9.21 2.73
N ASP A 53 -14.18 -8.30 1.75
CA ASP A 53 -15.43 -7.89 1.11
C ASP A 53 -15.62 -8.54 -0.27
N GLU A 54 -14.78 -9.54 -0.54
CA GLU A 54 -14.80 -10.36 -1.76
C GLU A 54 -14.20 -9.68 -3.00
N HIS A 55 -13.78 -8.42 -2.88
CA HIS A 55 -13.01 -7.81 -3.96
C HIS A 55 -11.61 -8.43 -4.00
N THR A 56 -10.96 -8.36 -5.15
CA THR A 56 -9.60 -8.88 -5.27
C THR A 56 -8.60 -7.74 -5.47
N MET A 57 -7.37 -7.94 -5.01
CA MET A 57 -6.34 -6.91 -5.06
C MET A 57 -5.02 -7.52 -5.47
N PRO A 58 -4.32 -6.90 -6.45
CA PRO A 58 -3.00 -7.42 -6.82
C PRO A 58 -2.04 -7.43 -5.63
N VAL A 59 -1.24 -8.49 -5.51
CA VAL A 59 -0.34 -8.66 -4.38
CA VAL A 59 -0.35 -8.63 -4.36
C VAL A 59 0.90 -7.78 -4.48
N LEU A 60 1.10 -7.18 -5.65
CA LEU A 60 2.25 -6.29 -5.86
C LEU A 60 1.80 -5.12 -6.69
N GLY A 61 2.23 -3.92 -6.31
CA GLY A 61 1.82 -2.71 -7.00
C GLY A 61 2.85 -1.61 -6.88
N LEU A 62 2.54 -0.45 -7.46
CA LEU A 62 3.44 0.69 -7.47
C LEU A 62 2.92 1.82 -6.61
N GLY A 63 3.73 2.30 -5.67
CA GLY A 63 3.39 3.51 -4.92
C GLY A 63 4.09 4.70 -5.54
N VAL A 64 3.52 5.89 -5.41
CA VAL A 64 4.15 7.08 -5.99
C VAL A 64 4.43 8.17 -4.96
N ALA A 65 4.68 7.78 -3.70
CA ALA A 65 5.09 8.76 -2.69
C ALA A 65 6.31 9.58 -3.13
N GLU A 66 6.24 10.88 -2.87
CA GLU A 66 7.35 11.81 -3.05
C GLU A 66 7.87 11.94 -4.49
N LEU A 67 7.07 11.51 -5.47
CA LEU A 67 7.41 11.73 -6.86
C LEU A 67 6.82 13.03 -7.38
N SER A 68 7.59 13.76 -8.18
CA SER A 68 7.09 14.95 -8.86
C SER A 68 5.99 14.57 -9.84
N ASP A 69 5.25 15.55 -10.35
CA ASP A 69 4.20 15.23 -11.31
C ASP A 69 4.75 14.48 -12.53
N ASP A 70 5.84 14.96 -13.12
CA ASP A 70 6.42 14.31 -14.30
CA ASP A 70 6.42 14.31 -14.30
C ASP A 70 6.95 12.91 -13.94
N GLU A 71 7.60 12.80 -12.79
CA GLU A 71 8.10 11.51 -12.33
C GLU A 71 6.96 10.53 -12.12
N THR A 72 5.86 11.02 -11.56
CA THR A 72 4.69 10.20 -11.30
C THR A 72 4.11 9.64 -12.58
N GLU A 73 3.90 10.51 -13.57
CA GLU A 73 3.38 10.03 -14.85
C GLU A 73 4.28 8.98 -15.44
N ARG A 74 5.59 9.23 -15.41
CA ARG A 74 6.54 8.30 -16.03
C ARG A 74 6.61 6.97 -15.30
N ALA A 75 6.57 7.02 -13.97
CA ALA A 75 6.62 5.79 -13.18
C ALA A 75 5.37 4.95 -13.38
N VAL A 76 4.20 5.58 -13.35
CA VAL A 76 2.95 4.86 -13.56
C VAL A 76 2.89 4.27 -14.96
N SER A 77 3.24 5.06 -15.97
CA SER A 77 3.24 4.57 -17.34
CA SER A 77 3.25 4.57 -17.35
C SER A 77 4.15 3.35 -17.50
N ALA A 78 5.36 3.44 -16.95
CA ALA A 78 6.31 2.33 -17.05
C ALA A 78 5.79 1.07 -16.36
N ALA A 79 5.16 1.26 -15.20
CA ALA A 79 4.64 0.13 -14.44
C ALA A 79 3.50 -0.54 -15.19
N LEU A 80 2.56 0.26 -15.69
CA LEU A 80 1.42 -0.31 -16.41
C LEU A 80 1.90 -1.09 -17.64
N GLU A 81 2.94 -0.57 -18.29
CA GLU A 81 3.48 -1.20 -19.49
C GLU A 81 4.03 -2.60 -19.25
N ILE A 82 4.56 -2.87 -18.06
CA ILE A 82 5.10 -4.21 -17.82
C ILE A 82 4.15 -5.08 -17.03
N GLY A 83 2.92 -4.61 -16.83
CA GLY A 83 1.85 -5.46 -16.32
C GLY A 83 1.42 -5.18 -14.90
N CYS A 84 2.01 -4.17 -14.28
CA CYS A 84 1.55 -3.74 -12.96
C CYS A 84 0.13 -3.23 -13.09
N ARG A 85 -0.74 -3.62 -12.16
CA ARG A 85 -2.12 -3.16 -12.22
C ARG A 85 -2.62 -2.49 -10.93
N LEU A 86 -1.76 -2.39 -9.91
CA LEU A 86 -2.14 -1.62 -8.72
C LEU A 86 -1.30 -0.36 -8.64
N ILE A 87 -1.98 0.77 -8.47
CA ILE A 87 -1.31 2.06 -8.34
C ILE A 87 -1.76 2.67 -7.03
N ASP A 88 -0.80 3.13 -6.23
CA ASP A 88 -1.06 3.57 -4.87
C ASP A 88 -0.61 5.03 -4.72
N THR A 89 -1.57 5.93 -4.49
CA THR A 89 -1.27 7.36 -4.34
C THR A 89 -1.96 7.87 -3.06
N ALA A 90 -2.07 9.19 -2.92
CA ALA A 90 -2.65 9.77 -1.70
C ALA A 90 -2.91 11.23 -1.93
N TYR A 91 -3.88 11.79 -1.20
CA TYR A 91 -4.02 13.25 -1.16
C TYR A 91 -2.63 13.86 -0.89
N ALA A 92 -1.93 13.32 0.11
CA ALA A 92 -0.73 13.97 0.63
C ALA A 92 0.44 14.02 -0.34
N TYR A 93 0.44 13.17 -1.35
CA TYR A 93 1.57 13.10 -2.28
C TYR A 93 1.47 14.22 -3.32
N GLY A 94 0.30 14.84 -3.42
CA GLY A 94 0.13 15.95 -4.35
C GLY A 94 0.15 15.55 -5.81
N ASN A 95 -0.01 14.28 -6.09
CA ASN A 95 0.18 13.82 -7.47
C ASN A 95 -0.95 12.97 -8.05
N GLU A 96 -2.13 13.05 -7.44
CA GLU A 96 -3.27 12.32 -7.99
C GLU A 96 -3.60 12.73 -9.42
N ALA A 97 -3.52 14.01 -9.75
CA ALA A 97 -3.82 14.40 -11.13
C ALA A 97 -2.83 13.78 -12.12
N ALA A 98 -1.56 13.70 -11.73
CA ALA A 98 -0.56 13.08 -12.58
C ALA A 98 -0.83 11.58 -12.75
N VAL A 99 -1.19 10.91 -11.66
CA VAL A 99 -1.63 9.51 -11.75
C VAL A 99 -2.79 9.38 -12.74
N GLY A 100 -3.76 10.29 -12.62
CA GLY A 100 -4.91 10.29 -13.50
C GLY A 100 -4.53 10.43 -14.96
N ARG A 101 -3.57 11.30 -15.25
CA ARG A 101 -3.12 11.49 -16.63
C ARG A 101 -2.51 10.20 -17.17
N ALA A 102 -1.70 9.53 -16.35
CA ALA A 102 -1.01 8.33 -16.82
C ALA A 102 -2.01 7.21 -17.04
N ILE A 103 -3.00 7.11 -16.15
CA ILE A 103 -4.04 6.10 -16.33
C ILE A 103 -4.81 6.36 -17.62
N ALA A 104 -5.16 7.61 -17.86
CA ALA A 104 -5.95 7.98 -19.03
C ALA A 104 -5.23 7.67 -20.34
N ALA A 105 -3.91 7.71 -20.30
CA ALA A 105 -3.07 7.51 -21.49
C ALA A 105 -2.67 6.05 -21.71
N SER A 106 -2.96 5.21 -20.75
CA SER A 106 -2.36 3.87 -20.69
C SER A 106 -3.01 2.85 -21.61
N GLY A 107 -4.26 3.08 -21.97
CA GLY A 107 -4.98 2.10 -22.77
C GLY A 107 -5.42 0.88 -21.98
N VAL A 108 -5.13 0.85 -20.70
CA VAL A 108 -5.58 -0.26 -19.85
C VAL A 108 -7.01 -0.01 -19.39
N ALA A 109 -7.88 -1.00 -19.58
CA ALA A 109 -9.28 -0.91 -19.16
C ALA A 109 -9.40 -0.64 -17.66
N ARG A 110 -10.31 0.26 -17.28
CA ARG A 110 -10.47 0.67 -15.88
C ARG A 110 -10.69 -0.51 -14.95
N GLU A 111 -11.51 -1.47 -15.37
CA GLU A 111 -11.86 -2.57 -14.48
C GLU A 111 -10.67 -3.52 -14.26
N GLU A 112 -9.61 -3.35 -15.05
CA GLU A 112 -8.41 -4.17 -14.86
C GLU A 112 -7.40 -3.50 -13.95
N LEU A 113 -7.68 -2.26 -13.56
CA LEU A 113 -6.77 -1.51 -12.71
C LEU A 113 -7.28 -1.52 -11.27
N PHE A 114 -6.34 -1.50 -10.32
CA PHE A 114 -6.68 -1.35 -8.91
C PHE A 114 -6.05 -0.05 -8.42
N VAL A 115 -6.87 0.96 -8.17
CA VAL A 115 -6.35 2.26 -7.75
C VAL A 115 -6.64 2.51 -6.28
N THR A 116 -5.58 2.77 -5.53
CA THR A 116 -5.68 3.09 -4.12
C THR A 116 -5.36 4.53 -3.89
N THR A 117 -6.17 5.24 -3.11
CA THR A 117 -5.68 6.52 -2.61
C THR A 117 -6.04 6.66 -1.13
N LYS A 118 -5.66 7.78 -0.53
CA LYS A 118 -5.67 7.90 0.94
C LYS A 118 -6.18 9.23 1.44
N LEU A 119 -6.85 9.15 2.59
CA LEU A 119 -7.45 10.27 3.30
C LEU A 119 -6.45 10.89 4.27
N ALA A 120 -6.11 12.16 4.07
CA ALA A 120 -5.17 12.82 4.96
C ALA A 120 -5.82 13.18 6.29
N THR A 121 -5.00 13.25 7.34
CA THR A 121 -5.53 13.47 8.68
C THR A 121 -6.35 14.75 8.85
N PRO A 122 -5.96 15.87 8.20
CA PRO A 122 -6.84 17.05 8.35
C PRO A 122 -8.25 16.85 7.80
N ASP A 123 -8.42 15.89 6.88
CA ASP A 123 -9.73 15.63 6.31
C ASP A 123 -10.53 14.57 7.06
N GLN A 124 -10.04 14.11 8.21
CA GLN A 124 -10.80 13.11 8.97
C GLN A 124 -12.06 13.72 9.59
N GLY A 125 -13.20 13.05 9.36
CA GLY A 125 -14.47 13.50 9.91
C GLY A 125 -15.58 12.84 9.12
N PHE A 126 -16.76 12.72 9.73
CA PHE A 126 -17.84 12.03 9.02
C PHE A 126 -18.19 12.72 7.70
N THR A 127 -18.34 14.04 7.75
CA THR A 127 -18.69 14.79 6.54
C THR A 127 -17.44 15.07 5.71
N ARG A 128 -16.38 15.55 6.36
CA ARG A 128 -15.20 15.97 5.62
C ARG A 128 -14.52 14.82 4.84
N SER A 129 -14.55 13.62 5.39
N SER A 129 -14.57 13.61 5.37
CA SER A 129 -13.90 12.49 4.72
CA SER A 129 -13.87 12.52 4.69
C SER A 129 -14.63 12.13 3.44
C SER A 129 -14.63 12.10 3.44
N GLN A 130 -15.95 12.30 3.44
CA GLN A 130 -16.73 12.03 2.24
C GLN A 130 -16.41 13.07 1.17
N GLU A 131 -16.27 14.32 1.58
CA GLU A 131 -15.86 15.39 0.68
C GLU A 131 -14.47 15.11 0.12
N ALA A 132 -13.57 14.65 0.99
CA ALA A 132 -12.20 14.36 0.57
C ALA A 132 -12.15 13.24 -0.44
N CYS A 133 -12.98 12.22 -0.26
CA CYS A 133 -13.02 11.11 -1.20
C CYS A 133 -13.42 11.62 -2.59
N ARG A 134 -14.50 12.40 -2.66
CA ARG A 134 -14.95 12.98 -3.93
C ARG A 134 -13.87 13.85 -4.57
N ALA A 135 -13.17 14.63 -3.76
CA ALA A 135 -12.11 15.49 -4.31
C ALA A 135 -10.95 14.66 -4.89
N SER A 136 -10.60 13.57 -4.24
CA SER A 136 -9.59 12.65 -4.78
C SER A 136 -10.04 12.07 -6.11
N LEU A 137 -11.30 11.64 -6.18
CA LEU A 137 -11.83 11.11 -7.45
CA LEU A 137 -11.84 11.11 -7.44
C LEU A 137 -11.73 12.13 -8.57
N ASP A 138 -12.07 13.38 -8.25
CA ASP A 138 -12.01 14.47 -9.22
CA ASP A 138 -12.02 14.44 -9.25
C ASP A 138 -10.59 14.67 -9.74
N ARG A 139 -9.61 14.68 -8.83
CA ARG A 139 -8.22 14.85 -9.27
C ARG A 139 -7.74 13.68 -10.09
N LEU A 140 -8.14 12.47 -9.71
CA LEU A 140 -7.76 11.27 -10.45
C LEU A 140 -8.45 11.14 -11.78
N GLY A 141 -9.55 11.86 -11.98
CA GLY A 141 -10.35 11.74 -13.19
C GLY A 141 -11.03 10.38 -13.28
N LEU A 142 -11.38 9.84 -12.11
CA LEU A 142 -12.01 8.52 -12.04
C LEU A 142 -13.39 8.59 -11.41
N ASP A 143 -14.22 7.58 -11.69
CA ASP A 143 -15.56 7.50 -11.12
C ASP A 143 -15.57 6.79 -9.78
N TYR A 144 -14.52 6.01 -9.52
CA TYR A 144 -14.38 5.30 -8.26
C TYR A 144 -12.92 5.00 -8.04
N VAL A 145 -12.54 4.77 -6.78
CA VAL A 145 -11.25 4.13 -6.51
C VAL A 145 -11.53 2.74 -5.99
N ASP A 146 -10.57 1.84 -6.14
CA ASP A 146 -10.73 0.48 -5.66
C ASP A 146 -10.49 0.37 -4.16
N LEU A 147 -9.65 1.25 -3.62
CA LEU A 147 -9.38 1.22 -2.19
C LEU A 147 -9.12 2.64 -1.69
N TYR A 148 -9.79 3.00 -0.59
CA TYR A 148 -9.59 4.29 0.06
C TYR A 148 -9.15 4.01 1.48
N LEU A 149 -8.00 4.56 1.85
CA LEU A 149 -7.38 4.28 3.16
C LEU A 149 -7.32 5.50 4.06
N ILE A 150 -7.61 5.33 5.34
CA ILE A 150 -7.22 6.35 6.32
C ILE A 150 -5.70 6.34 6.39
N HIS A 151 -5.05 7.47 6.10
CA HIS A 151 -3.59 7.46 5.92
C HIS A 151 -2.83 7.21 7.23
N TRP A 152 -3.29 7.84 8.31
CA TRP A 152 -2.72 7.66 9.65
C TRP A 152 -3.84 7.69 10.69
N PRO A 153 -3.73 6.87 11.75
CA PRO A 153 -4.76 6.93 12.78
C PRO A 153 -4.75 8.25 13.55
N ALA A 154 -3.55 8.80 13.76
CA ALA A 154 -3.37 10.05 14.50
C ALA A 154 -4.15 10.08 15.81
N PRO A 155 -3.78 9.22 16.77
CA PRO A 155 -4.52 9.18 18.03
C PRO A 155 -4.71 10.55 18.72
N PRO A 156 -3.71 11.47 18.70
CA PRO A 156 -3.96 12.75 19.37
C PRO A 156 -5.08 13.57 18.76
N VAL A 157 -5.36 13.34 17.47
CA VAL A 157 -6.42 14.06 16.79
C VAL A 157 -7.79 13.47 17.14
N GLY A 158 -7.86 12.15 17.24
CA GLY A 158 -9.04 11.46 17.74
C GLY A 158 -10.26 11.49 16.84
N LYS A 159 -10.02 11.61 15.54
CA LYS A 159 -11.12 11.71 14.58
C LYS A 159 -11.24 10.49 13.67
N TYR A 160 -10.38 9.48 13.84
CA TYR A 160 -10.32 8.45 12.81
C TYR A 160 -11.54 7.54 12.79
N VAL A 161 -12.24 7.40 13.92
CA VAL A 161 -13.45 6.60 13.92
C VAL A 161 -14.57 7.30 13.14
N ASP A 162 -14.65 8.62 13.27
CA ASP A 162 -15.65 9.37 12.52
C ASP A 162 -15.30 9.43 11.02
N ALA A 163 -14.00 9.53 10.71
CA ALA A 163 -13.54 9.39 9.32
C ALA A 163 -14.03 8.08 8.71
N TRP A 164 -13.84 6.99 9.44
CA TRP A 164 -14.27 5.66 9.00
C TRP A 164 -15.78 5.63 8.77
N GLY A 165 -16.55 6.25 9.68
CA GLY A 165 -17.98 6.35 9.50
C GLY A 165 -18.36 7.00 8.19
N GLY A 166 -17.64 8.05 7.82
CA GLY A 166 -17.88 8.70 6.55
C GLY A 166 -17.49 7.83 5.37
N MET A 167 -16.34 7.17 5.50
CA MET A 167 -15.85 6.29 4.43
C MET A 167 -16.80 5.12 4.19
N ILE A 168 -17.51 4.67 5.21
CA ILE A 168 -18.53 3.64 5.04
C ILE A 168 -19.63 4.13 4.09
N GLN A 169 -19.98 5.42 4.20
CA GLN A 169 -20.94 6.01 3.28
C GLN A 169 -20.35 6.14 1.88
N SER A 170 -19.09 6.56 1.79
CA SER A 170 -18.41 6.63 0.49
C SER A 170 -18.42 5.29 -0.22
N ARG A 171 -18.23 4.22 0.54
CA ARG A 171 -18.29 2.88 -0.03
C ARG A 171 -19.71 2.52 -0.44
N GLY A 172 -20.68 2.88 0.39
CA GLY A 172 -22.07 2.59 0.07
C GLY A 172 -22.52 3.26 -1.23
N GLU A 173 -21.94 4.41 -1.51
CA GLU A 173 -22.28 5.19 -2.70
C GLU A 173 -21.47 4.79 -3.93
N GLY A 174 -20.54 3.87 -3.74
CA GLY A 174 -19.73 3.37 -4.85
C GLY A 174 -18.49 4.17 -5.15
N HIS A 175 -18.21 5.20 -4.36
CA HIS A 175 -17.03 6.02 -4.62
C HIS A 175 -15.72 5.27 -4.32
N ALA A 176 -15.77 4.41 -3.32
CA ALA A 176 -14.65 3.53 -2.99
C ALA A 176 -15.17 2.11 -2.93
N ARG A 177 -14.60 1.19 -3.71
CA ARG A 177 -15.16 -0.16 -3.72
C ARG A 177 -14.81 -0.94 -2.47
N SER A 178 -13.61 -0.70 -1.96
CA SER A 178 -13.17 -1.21 -0.66
C SER A 178 -12.63 -0.08 0.18
N ILE A 179 -12.70 -0.23 1.50
CA ILE A 179 -12.09 0.75 2.38
C ILE A 179 -11.15 0.06 3.36
N GLY A 180 -10.11 0.78 3.78
CA GLY A 180 -9.12 0.22 4.66
C GLY A 180 -8.36 1.31 5.38
N VAL A 181 -7.25 0.94 6.00
CA VAL A 181 -6.50 1.84 6.86
C VAL A 181 -5.01 1.68 6.58
N SER A 182 -4.23 2.63 7.09
CA SER A 182 -2.78 2.58 6.98
CA SER A 182 -2.78 2.60 6.97
C SER A 182 -2.18 2.96 8.32
N ASN A 183 -1.13 2.23 8.71
CA ASN A 183 -0.40 2.48 9.94
C ASN A 183 -1.24 2.28 11.21
N PHE A 184 -2.29 1.47 11.12
CA PHE A 184 -3.14 1.23 12.28
C PHE A 184 -2.61 0.13 13.16
N THR A 185 -2.83 0.29 14.47
CA THR A 185 -2.57 -0.80 15.40
C THR A 185 -3.79 -1.71 15.46
N ALA A 186 -3.59 -2.87 16.08
CA ALA A 186 -4.69 -3.79 16.32
C ALA A 186 -5.80 -3.12 17.12
N GLU A 187 -5.41 -2.35 18.13
CA GLU A 187 -6.40 -1.66 18.95
C GLU A 187 -7.17 -0.60 18.15
N ASN A 188 -6.47 0.12 17.28
CA ASN A 188 -7.13 1.09 16.40
C ASN A 188 -8.20 0.41 15.55
N ILE A 189 -7.85 -0.75 14.98
CA ILE A 189 -8.78 -1.51 14.14
C ILE A 189 -9.96 -2.02 14.97
N GLU A 190 -9.68 -2.52 16.18
CA GLU A 190 -10.75 -2.99 17.07
C GLU A 190 -11.72 -1.87 17.41
N ASN A 191 -11.22 -0.65 17.57
CA ASN A 191 -12.11 0.49 17.80
C ASN A 191 -13.04 0.71 16.60
N LEU A 192 -12.50 0.61 15.38
CA LEU A 192 -13.35 0.75 14.20
C LEU A 192 -14.44 -0.31 14.17
N ILE A 193 -14.06 -1.57 14.40
CA ILE A 193 -15.04 -2.65 14.37
C ILE A 193 -16.10 -2.46 15.45
N ASP A 194 -15.65 -2.12 16.65
CA ASP A 194 -16.58 -1.97 17.80
C ASP A 194 -17.57 -0.84 17.63
N LEU A 195 -17.16 0.24 16.96
CA LEU A 195 -17.98 1.44 16.93
C LEU A 195 -18.71 1.65 15.60
N THR A 196 -18.27 0.97 14.54
CA THR A 196 -18.90 1.16 13.22
C THR A 196 -19.41 -0.13 12.60
N PHE A 197 -18.96 -1.27 13.15
CA PHE A 197 -19.34 -2.61 12.69
C PHE A 197 -18.77 -2.96 11.30
N VAL A 198 -17.83 -2.16 10.80
CA VAL A 198 -17.20 -2.46 9.51
C VAL A 198 -15.71 -2.66 9.69
N THR A 199 -15.22 -3.81 9.24
CA THR A 199 -13.81 -4.16 9.35
C THR A 199 -13.03 -3.69 8.13
N PRO A 200 -11.87 -3.02 8.34
CA PRO A 200 -11.03 -2.64 7.20
C PRO A 200 -10.65 -3.83 6.31
N ALA A 201 -10.53 -3.60 5.01
CA ALA A 201 -10.12 -4.64 4.08
C ALA A 201 -8.61 -4.85 4.10
N VAL A 202 -7.90 -3.75 4.34
CA VAL A 202 -6.45 -3.70 4.23
C VAL A 202 -5.91 -2.84 5.37
N ASN A 203 -4.76 -3.21 5.93
CA ASN A 203 -3.99 -2.33 6.82
C ASN A 203 -2.61 -2.22 6.18
N GLN A 204 -2.33 -1.05 5.61
CA GLN A 204 -1.07 -0.82 4.90
C GLN A 204 -0.05 -0.28 5.89
N ILE A 205 1.01 -1.06 6.15
CA ILE A 205 1.94 -0.74 7.23
C ILE A 205 3.38 -0.86 6.75
N GLU A 206 4.26 -0.12 7.42
CA GLU A 206 5.69 -0.28 7.17
C GLU A 206 6.11 -1.70 7.51
N LEU A 207 6.75 -2.40 6.57
CA LEU A 207 7.13 -3.77 6.84
C LEU A 207 8.31 -4.21 5.96
N HIS A 208 9.40 -4.59 6.62
CA HIS A 208 10.63 -5.02 5.98
C HIS A 208 11.38 -5.85 7.02
N PRO A 209 12.50 -6.48 6.64
CA PRO A 209 13.15 -7.35 7.63
C PRO A 209 13.64 -6.68 8.92
N LEU A 210 13.86 -5.37 8.96
CA LEU A 210 14.26 -4.74 10.22
C LEU A 210 13.06 -4.52 11.13
N LEU A 211 11.88 -4.51 10.53
CA LEU A 211 10.62 -4.28 11.25
C LEU A 211 9.56 -5.21 10.66
N ASN A 212 9.62 -6.50 11.01
CA ASN A 212 8.88 -7.48 10.23
C ASN A 212 7.41 -7.62 10.67
N GLN A 213 7.04 -6.90 11.74
CA GLN A 213 5.63 -6.74 12.14
C GLN A 213 4.93 -8.06 12.44
N ASP A 214 5.65 -9.00 13.03
CA ASP A 214 5.10 -10.32 13.27
C ASP A 214 3.77 -10.25 14.03
N GLU A 215 3.74 -9.49 15.12
CA GLU A 215 2.54 -9.41 15.93
C GLU A 215 1.37 -8.76 15.19
N LEU A 216 1.64 -7.65 14.50
CA LEU A 216 0.56 -6.93 13.82
C LEU A 216 0.06 -7.71 12.61
N ARG A 217 0.97 -8.40 11.92
CA ARG A 217 0.58 -9.33 10.86
C ARG A 217 -0.44 -10.35 11.35
N LYS A 218 -0.14 -10.99 12.48
CA LYS A 218 -1.05 -11.97 13.04
C LYS A 218 -2.37 -11.32 13.46
N ALA A 219 -2.30 -10.13 14.03
CA ALA A 219 -3.50 -9.43 14.47
C ALA A 219 -4.39 -9.04 13.28
N ASN A 220 -3.76 -8.53 12.22
CA ASN A 220 -4.49 -8.22 10.99
C ASN A 220 -5.23 -9.47 10.50
N ALA A 221 -4.47 -10.56 10.35
CA ALA A 221 -5.05 -11.82 9.87
C ALA A 221 -6.20 -12.29 10.75
N GLN A 222 -6.04 -12.19 12.06
CA GLN A 222 -7.09 -12.61 13.00
C GLN A 222 -8.38 -11.83 12.80
N HIS A 223 -8.27 -10.60 12.30
CA HIS A 223 -9.43 -9.76 12.05
C HIS A 223 -9.90 -9.78 10.59
N THR A 224 -9.29 -10.68 9.79
CA THR A 224 -9.55 -10.84 8.35
C THR A 224 -9.06 -9.66 7.52
N VAL A 225 -8.13 -8.90 8.08
CA VAL A 225 -7.56 -7.74 7.39
C VAL A 225 -6.30 -8.14 6.64
N VAL A 226 -6.20 -7.77 5.38
CA VAL A 226 -5.00 -8.03 4.61
C VAL A 226 -3.91 -7.07 5.05
N THR A 227 -2.71 -7.58 5.29
CA THR A 227 -1.54 -6.75 5.48
C THR A 227 -0.94 -6.33 4.14
N GLN A 228 -0.84 -5.03 3.90
CA GLN A 228 -0.14 -4.55 2.71
C GLN A 228 1.10 -3.77 3.15
N SER A 229 2.26 -4.29 2.80
CA SER A 229 3.53 -3.69 3.22
C SER A 229 3.92 -2.50 2.37
N TYR A 230 4.37 -1.44 3.02
CA TYR A 230 5.07 -0.39 2.27
C TYR A 230 6.47 -0.21 2.86
N CYS A 231 7.31 0.52 2.11
CA CYS A 231 8.74 0.63 2.40
CA CYS A 231 8.72 0.63 2.44
C CYS A 231 9.40 -0.74 2.59
N PRO A 232 9.17 -1.67 1.63
CA PRO A 232 9.74 -3.02 1.81
C PRO A 232 11.26 -3.09 1.74
N LEU A 233 11.92 -2.03 1.27
CA LEU A 233 13.39 -2.00 1.25
C LEU A 233 13.98 -1.11 2.36
N ALA A 234 13.16 -0.70 3.32
CA ALA A 234 13.55 0.21 4.39
C ALA A 234 14.23 1.46 3.84
N LEU A 235 13.60 2.04 2.81
CA LEU A 235 14.12 3.23 2.12
C LEU A 235 15.50 2.98 1.54
N GLY A 236 15.80 1.72 1.24
CA GLY A 236 17.08 1.38 0.62
C GLY A 236 18.16 0.97 1.61
N ARG A 237 17.87 1.10 2.89
CA ARG A 237 18.89 0.86 3.90
C ARG A 237 19.31 -0.61 3.95
N LEU A 238 18.42 -1.48 3.49
CA LEU A 238 18.70 -2.90 3.48
C LEU A 238 19.38 -3.41 2.22
N LEU A 239 19.55 -2.55 1.21
CA LEU A 239 20.08 -3.03 -0.06
C LEU A 239 21.54 -3.47 -0.01
N ASP A 240 22.29 -2.98 0.98
CA ASP A 240 23.68 -3.41 1.14
C ASP A 240 23.88 -4.19 2.43
N ASN A 241 22.79 -4.66 3.02
CA ASN A 241 22.86 -5.53 4.19
C ASN A 241 23.53 -6.85 3.82
N PRO A 242 24.56 -7.26 4.60
CA PRO A 242 25.33 -8.45 4.23
C PRO A 242 24.49 -9.73 4.13
N THR A 243 23.49 -9.86 4.98
CA THR A 243 22.61 -11.02 4.91
C THR A 243 21.80 -10.97 3.63
N VAL A 244 21.27 -9.80 3.30
CA VAL A 244 20.48 -9.64 2.08
C VAL A 244 21.32 -9.88 0.83
N THR A 245 22.51 -9.30 0.78
CA THR A 245 23.33 -9.42 -0.44
C THR A 245 23.87 -10.84 -0.61
N SER A 246 24.08 -11.54 0.50
CA SER A 246 24.54 -12.92 0.43
C SER A 246 23.47 -13.81 -0.19
N ILE A 247 22.22 -13.57 0.23
CA ILE A 247 21.08 -14.33 -0.29
C ILE A 247 20.83 -13.97 -1.76
N ALA A 248 20.90 -12.67 -2.08
CA ALA A 248 20.74 -12.25 -3.47
C ALA A 248 21.78 -12.91 -4.39
N SER A 249 23.01 -12.99 -3.93
CA SER A 249 24.06 -13.65 -4.70
C SER A 249 23.75 -15.13 -4.92
N GLU A 250 23.30 -15.79 -3.86
CA GLU A 250 22.98 -17.21 -3.90
C GLU A 250 21.85 -17.52 -4.91
N TYR A 251 20.84 -16.66 -4.96
CA TYR A 251 19.71 -16.86 -5.86
C TYR A 251 19.92 -16.20 -7.23
N VAL A 252 21.04 -15.50 -7.37
CA VAL A 252 21.35 -14.71 -8.57
C VAL A 252 20.20 -13.74 -8.88
N LYS A 253 19.79 -13.02 -7.84
CA LYS A 253 18.77 -11.98 -7.92
C LYS A 253 19.31 -10.69 -7.33
N THR A 254 18.57 -9.59 -7.48
CA THR A 254 18.97 -8.35 -6.83
C THR A 254 18.58 -8.36 -5.37
N PRO A 255 19.24 -7.51 -4.56
CA PRO A 255 18.80 -7.36 -3.17
C PRO A 255 17.32 -6.94 -3.07
N ALA A 256 16.85 -6.07 -3.95
CA ALA A 256 15.46 -5.66 -3.88
C ALA A 256 14.53 -6.84 -4.19
N GLN A 257 14.91 -7.67 -5.15
CA GLN A 257 14.08 -8.84 -5.48
C GLN A 257 13.98 -9.78 -4.30
N VAL A 258 15.09 -9.99 -3.59
CA VAL A 258 15.08 -10.84 -2.40
C VAL A 258 14.15 -10.25 -1.34
N LEU A 259 14.26 -8.95 -1.12
CA LEU A 259 13.47 -8.27 -0.09
C LEU A 259 11.99 -8.31 -0.43
N LEU A 260 11.66 -8.10 -1.70
CA LEU A 260 10.25 -8.15 -2.13
C LEU A 260 9.69 -9.56 -2.02
N ARG A 261 10.46 -10.55 -2.47
CA ARG A 261 10.02 -11.94 -2.42
C ARG A 261 9.79 -12.41 -0.97
N TRP A 262 10.70 -12.05 -0.07
CA TRP A 262 10.53 -12.38 1.35
C TRP A 262 9.21 -11.86 1.87
N ASN A 263 8.91 -10.61 1.52
CA ASN A 263 7.69 -9.95 1.99
C ASN A 263 6.45 -10.67 1.46
N LEU A 264 6.46 -11.01 0.18
CA LEU A 264 5.36 -11.75 -0.43
C LEU A 264 5.20 -13.13 0.20
N GLN A 265 6.31 -13.79 0.52
CA GLN A 265 6.24 -15.14 1.07
C GLN A 265 5.69 -15.17 2.50
N LEU A 266 5.63 -14.02 3.15
CA LEU A 266 4.94 -13.90 4.43
C LEU A 266 3.43 -13.85 4.28
N GLY A 267 2.96 -13.70 3.04
CA GLY A 267 1.53 -13.64 2.78
C GLY A 267 1.01 -12.23 2.72
N ASN A 268 1.92 -11.26 2.62
CA ASN A 268 1.56 -9.86 2.51
C ASN A 268 1.32 -9.45 1.07
N ALA A 269 0.43 -8.49 0.86
CA ALA A 269 0.49 -7.68 -0.35
C ALA A 269 1.61 -6.66 -0.16
N VAL A 270 2.15 -6.14 -1.26
CA VAL A 270 3.31 -5.27 -1.18
C VAL A 270 3.19 -4.11 -2.16
N VAL A 271 3.59 -2.94 -1.71
CA VAL A 271 3.70 -1.75 -2.56
C VAL A 271 5.17 -1.43 -2.76
N VAL A 272 5.64 -1.49 -4.01
CA VAL A 272 6.99 -1.08 -4.35
C VAL A 272 7.08 0.44 -4.28
N ARG A 273 8.09 0.95 -3.60
CA ARG A 273 8.12 2.38 -3.29
C ARG A 273 8.68 3.23 -4.42
N SER A 274 7.78 3.93 -5.11
CA SER A 274 8.17 5.04 -5.98
C SER A 274 9.21 4.62 -7.01
N ALA A 275 9.00 3.44 -7.58
CA ALA A 275 10.00 2.82 -8.44
C ALA A 275 10.23 3.58 -9.73
N ARG A 276 11.51 3.70 -10.07
CA ARG A 276 11.90 4.33 -11.31
C ARG A 276 11.57 3.39 -12.47
N PRO A 277 11.23 3.96 -13.64
CA PRO A 277 10.95 3.12 -14.81
C PRO A 277 12.05 2.08 -15.08
N GLU A 278 13.32 2.43 -14.86
CA GLU A 278 14.40 1.49 -15.11
C GLU A 278 14.43 0.29 -14.13
N ARG A 279 13.75 0.43 -12.99
CA ARG A 279 13.73 -0.63 -11.97
C ARG A 279 12.45 -1.47 -11.95
N ILE A 280 11.35 -0.95 -12.49
CA ILE A 280 10.07 -1.57 -12.16
C ILE A 280 9.91 -3.00 -12.72
N ALA A 281 10.46 -3.28 -13.90
CA ALA A 281 10.37 -4.63 -14.43
C ALA A 281 11.15 -5.60 -13.55
N SER A 282 12.32 -5.18 -13.09
CA SER A 282 13.13 -6.00 -12.19
C SER A 282 12.37 -6.26 -10.90
N ASN A 283 11.79 -5.20 -10.32
CA ASN A 283 11.05 -5.33 -9.07
C ASN A 283 9.86 -6.27 -9.20
N PHE A 284 9.28 -6.35 -10.40
CA PHE A 284 8.12 -7.22 -10.59
C PHE A 284 8.50 -8.66 -10.95
N ASP A 285 9.78 -8.91 -11.22
CA ASP A 285 10.23 -10.25 -11.58
C ASP A 285 10.55 -11.05 -10.33
N VAL A 286 9.52 -11.26 -9.50
CA VAL A 286 9.70 -11.92 -8.21
C VAL A 286 8.73 -13.08 -8.02
N PHE A 287 8.26 -13.64 -9.13
CA PHE A 287 7.31 -14.75 -9.05
C PHE A 287 7.85 -16.03 -9.68
N ASP A 288 9.13 -16.03 -10.04
CA ASP A 288 9.73 -17.20 -10.67
C ASP A 288 10.80 -17.83 -9.80
N PHE A 289 10.86 -17.44 -8.54
CA PHE A 289 11.74 -18.12 -7.60
C PHE A 289 11.13 -18.11 -6.20
N GLU A 290 11.63 -18.98 -5.34
CA GLU A 290 11.15 -19.09 -3.99
C GLU A 290 12.33 -19.16 -3.02
N LEU A 291 12.28 -18.36 -1.97
CA LEU A 291 13.30 -18.39 -0.93
C LEU A 291 13.11 -19.60 -0.04
N ALA A 292 14.16 -20.42 0.08
CA ALA A 292 14.10 -21.60 0.95
C ALA A 292 13.93 -21.19 2.41
N ALA A 293 13.49 -22.14 3.23
CA ALA A 293 13.24 -21.88 4.64
C ALA A 293 14.44 -21.30 5.37
N GLU A 294 15.64 -21.80 5.10
CA GLU A 294 16.83 -21.32 5.82
C GLU A 294 17.09 -19.85 5.53
N HIS A 295 16.72 -19.41 4.33
CA HIS A 295 16.93 -18.03 3.96
C HIS A 295 15.80 -17.13 4.44
N MET A 296 14.58 -17.66 4.50
CA MET A 296 13.51 -16.95 5.19
C MET A 296 13.88 -16.75 6.66
N ASP A 297 14.43 -17.80 7.27
CA ASP A 297 14.85 -17.71 8.67
C ASP A 297 15.95 -16.66 8.85
N ALA A 298 16.89 -16.62 7.92
CA ALA A 298 18.02 -15.68 8.00
C ALA A 298 17.52 -14.24 7.93
N LEU A 299 16.58 -13.97 7.02
CA LEU A 299 15.99 -12.64 6.92
C LEU A 299 15.14 -12.33 8.15
N GLY A 300 14.53 -13.36 8.73
CA GLY A 300 13.77 -13.21 9.97
C GLY A 300 14.64 -12.77 11.12
N GLY A 301 15.92 -13.14 11.07
CA GLY A 301 16.85 -12.81 12.13
C GLY A 301 17.31 -11.36 12.14
N LEU A 302 16.98 -10.63 11.09
CA LEU A 302 17.36 -9.22 10.98
C LEU A 302 16.44 -8.31 11.78
N ASN A 303 15.32 -8.84 12.24
CA ASN A 303 14.32 -8.05 12.93
C ASN A 303 14.93 -7.36 14.15
N ASP A 304 14.88 -6.02 14.19
CA ASP A 304 15.43 -5.34 15.37
C ASP A 304 14.66 -4.09 15.78
N GLY A 305 13.46 -3.94 15.24
CA GLY A 305 12.58 -2.84 15.61
C GLY A 305 12.93 -1.50 14.99
N THR A 306 13.72 -1.52 13.92
CA THR A 306 14.07 -0.28 13.24
C THR A 306 12.90 0.21 12.38
N ARG A 307 12.28 1.30 12.84
CA ARG A 307 11.18 1.92 12.11
C ARG A 307 11.71 3.14 11.36
N VAL A 308 11.60 3.16 10.02
CA VAL A 308 12.17 4.27 9.25
C VAL A 308 11.12 5.32 8.85
N ARG A 309 9.84 5.00 9.04
CA ARG A 309 8.78 5.99 8.84
C ARG A 309 8.25 6.44 10.19
N GLU A 310 7.16 7.21 10.20
CA GLU A 310 6.67 7.79 11.44
C GLU A 310 6.05 6.76 12.37
N ASP A 311 5.89 7.16 13.63
CA ASP A 311 5.33 6.31 14.68
C ASP A 311 3.81 6.41 14.70
N PRO A 312 3.11 5.30 14.39
CA PRO A 312 1.64 5.26 14.42
C PRO A 312 1.04 5.75 15.73
N LEU A 313 1.72 5.56 16.84
CA LEU A 313 1.12 5.90 18.13
C LEU A 313 0.99 7.40 18.34
N THR A 314 1.87 8.17 17.71
CA THR A 314 1.96 9.60 18.02
C THR A 314 1.84 10.52 16.81
N TYR A 315 2.12 10.01 15.61
CA TYR A 315 2.17 10.90 14.45
C TYR A 315 0.82 11.48 14.08
N ALA A 316 0.75 12.81 14.00
CA ALA A 316 -0.50 13.49 13.74
C ALA A 316 -0.45 14.38 12.51
N GLY A 317 0.54 14.16 11.64
CA GLY A 317 0.67 14.94 10.42
C GLY A 317 0.20 14.17 9.19
N THR A 318 0.71 14.53 8.01
CA THR A 318 0.31 13.91 6.75
C THR A 318 1.42 13.07 6.15
#